data_7B8Z
#
_entry.id   7B8Z
#
_cell.length_a   59.457
_cell.length_b   73.598
_cell.length_c   78.758
_cell.angle_alpha   90.000
_cell.angle_beta   90.000
_cell.angle_gamma   90.000
#
_symmetry.space_group_name_H-M   'P 21 21 21'
#
loop_
_entity.id
_entity.type
_entity.pdbx_description
1 polymer 'Palmitoleoyl-protein carboxylesterase NOTUM'
2 non-polymer 'SULFATE ION'
3 non-polymer 2-acetamido-2-deoxy-beta-D-glucopyranose
4 non-polymer 'DIMETHYL SULFOXIDE'
5 non-polymer 2-[4-(3-chlorophenyl)piperazin-1-ium-1-yl]ethanenitrile
6 water water
#
_entity_poly.entity_id   1
_entity_poly.type   'polypeptide(L)'
_entity_poly.pdbx_seq_one_letter_code
;ETGSAQQLNEDLRLHLLLNTSVTCNDGSPAGYYLKESRGSRRWLLFLEGGWYCFNRENCDSRYDTMRRLMSSRDWPRTRT
GTGILSSQPEENPYWWNANMVFIPYCSSDVWSGASSKSEKNEYAFMGALIIQEVVRELLGRGLSGAKVLLLAGSSAGGTG
VLLNVDRVAEQLEKLGYPAIQVRGLADSGWFLDNKQYRHTDCVDTITCAPTEAIRRGIRYWNGVVPERCRRQFQEGEEWN
CFFGYKVYPTLRSPVFVVQWLFDEAQLTVDNVHLTGQPVQEGLRLYIQNLGRELRHTLKDVPASFAPACLSHEIIIRSHW
TDVQVKGTSLPRALHCWDRSLHDSHKASKTPLKGCPVHLVDSCPWPHCNPSCPTGTKHHHHHH
;
_entity_poly.pdbx_strand_id   A
#
loop_
_chem_comp.id
_chem_comp.type
_chem_comp.name
_chem_comp.formula
A6Z non-polymer 2-[4-(3-chlorophenyl)piperazin-1-ium-1-yl]ethanenitrile 'C12 H15 Cl N3 1'
DMS non-polymer 'DIMETHYL SULFOXIDE' 'C2 H6 O S'
NAG D-saccharide, beta linking 2-acetamido-2-deoxy-beta-D-glucopyranose 'C8 H15 N O6'
SO4 non-polymer 'SULFATE ION' 'O4 S -2'
#
# COMPACT_ATOMS: atom_id res chain seq x y z
N ASP A 11 -2.00 21.18 -4.88
CA ASP A 11 -2.36 21.18 -3.47
C ASP A 11 -3.68 20.45 -3.19
N LEU A 12 -3.59 19.38 -2.41
CA LEU A 12 -4.76 18.73 -1.84
C LEU A 12 -5.05 19.35 -0.47
N ARG A 13 -6.33 19.56 -0.17
CA ARG A 13 -6.76 20.24 1.06
C ARG A 13 -7.26 19.23 2.10
N LEU A 14 -6.87 19.45 3.36
CA LEU A 14 -7.21 18.58 4.49
C LEU A 14 -8.67 18.71 4.91
N HIS A 15 -9.33 17.56 5.11
CA HIS A 15 -10.62 17.45 5.78
C HIS A 15 -10.51 16.46 6.94
N LEU A 16 -10.81 16.91 8.16
CA LEU A 16 -10.91 15.96 9.28
C LEU A 16 -12.25 15.24 9.24
N LEU A 17 -12.24 13.96 9.60
CA LEU A 17 -13.46 13.16 9.53
C LEU A 17 -14.59 13.75 10.38
N LEU A 18 -15.77 13.85 9.78
CA LEU A 18 -16.97 14.33 10.48
C LEU A 18 -17.34 13.40 11.63
N ASN A 19 -17.17 12.10 11.44
CA ASN A 19 -17.33 11.14 12.55
C ASN A 19 -16.07 11.17 13.41
N THR A 20 -16.13 11.90 14.52
CA THR A 20 -14.97 12.10 15.37
C THR A 20 -14.63 10.91 16.26
N SER A 21 -15.40 9.83 16.22
CA SER A 21 -15.06 8.59 16.92
CA SER A 21 -15.06 8.59 16.92
C SER A 21 -14.16 7.68 16.09
N VAL A 22 -13.83 8.04 14.86
CA VAL A 22 -12.85 7.33 14.06
C VAL A 22 -11.56 8.14 14.16
N THR A 23 -10.57 7.61 14.88
CA THR A 23 -9.48 8.44 15.37
C THR A 23 -8.11 7.86 15.03
N CYS A 24 -7.11 8.75 15.08
CA CYS A 24 -5.69 8.38 15.12
C CYS A 24 -5.36 7.70 16.47
N ASN A 25 -4.09 7.27 16.63
CA ASN A 25 -3.67 6.52 17.83
C ASN A 25 -4.05 7.25 19.12
N ASP A 26 -3.89 8.58 19.18
CA ASP A 26 -4.03 9.32 20.43
C ASP A 26 -5.43 9.90 20.68
N GLY A 27 -6.39 9.58 19.81
CA GLY A 27 -7.76 10.03 19.95
C GLY A 27 -8.13 11.25 19.15
N SER A 28 -7.17 11.92 18.52
CA SER A 28 -7.47 13.02 17.62
C SER A 28 -8.14 12.50 16.35
N PRO A 29 -8.95 13.32 15.68
CA PRO A 29 -9.68 12.82 14.50
C PRO A 29 -8.73 12.46 13.37
N ALA A 30 -9.02 11.35 12.68
CA ALA A 30 -8.36 11.04 11.41
C ALA A 30 -8.88 11.95 10.30
N GLY A 31 -8.39 11.78 9.08
CA GLY A 31 -8.81 12.65 7.99
C GLY A 31 -8.26 12.22 6.64
N TYR A 32 -8.41 13.11 5.63
CA TYR A 32 -7.89 12.90 4.28
C TYR A 32 -7.61 14.25 3.61
N TYR A 33 -6.68 14.24 2.65
CA TYR A 33 -6.44 15.40 1.79
C TYR A 33 -7.09 15.15 0.43
N LEU A 34 -7.76 16.17 -0.12
CA LEU A 34 -8.58 16.00 -1.32
C LEU A 34 -8.33 17.12 -2.33
N LYS A 35 -8.27 16.74 -3.61
CA LYS A 35 -8.34 17.70 -4.72
C LYS A 35 -9.26 17.13 -5.78
N GLU A 36 -10.40 17.78 -6.01
CA GLU A 36 -11.37 17.23 -6.96
C GLU A 36 -11.02 17.61 -8.39
N SER A 37 -11.52 16.80 -9.34
CA SER A 37 -11.42 17.04 -10.79
C SER A 37 -12.80 16.71 -11.36
N ARG A 38 -13.66 17.72 -11.49
CA ARG A 38 -15.05 17.41 -11.80
C ARG A 38 -15.25 16.95 -13.24
N GLY A 39 -14.23 17.06 -14.09
CA GLY A 39 -14.39 16.47 -15.40
C GLY A 39 -13.98 15.02 -15.49
N SER A 40 -13.74 14.36 -14.34
CA SER A 40 -13.22 13.00 -14.30
C SER A 40 -14.08 12.11 -13.43
N ARG A 41 -14.26 10.86 -13.86
CA ARG A 41 -14.96 9.85 -13.11
C ARG A 41 -14.01 8.87 -12.44
N ARG A 42 -12.72 9.18 -12.38
CA ARG A 42 -11.73 8.31 -11.76
C ARG A 42 -11.30 8.90 -10.42
N TRP A 43 -11.14 8.02 -9.43
CA TRP A 43 -10.77 8.40 -8.06
C TRP A 43 -9.59 7.56 -7.60
N LEU A 44 -8.54 8.23 -7.11
CA LEU A 44 -7.32 7.61 -6.59
C LEU A 44 -7.24 7.91 -5.10
N LEU A 45 -7.30 6.84 -4.28
CA LEU A 45 -7.18 6.95 -2.82
C LEU A 45 -5.88 6.27 -2.42
N PHE A 46 -4.93 7.07 -1.92
CA PHE A 46 -3.58 6.63 -1.62
C PHE A 46 -3.40 6.48 -0.10
N LEU A 47 -2.94 5.29 0.33
CA LEU A 47 -2.61 5.00 1.73
C LEU A 47 -1.12 5.25 1.99
N GLU A 48 -0.81 6.23 2.87
CA GLU A 48 0.57 6.47 3.33
C GLU A 48 1.14 5.27 4.10
N GLY A 49 2.46 5.09 4.01
CA GLY A 49 3.18 4.11 4.81
C GLY A 49 3.91 4.70 6.02
N GLY A 50 4.72 3.84 6.67
CA GLY A 50 5.58 4.25 7.78
C GLY A 50 5.67 3.29 8.96
N TRP A 51 5.99 2.03 8.70
CA TRP A 51 6.25 1.02 9.74
C TRP A 51 4.97 0.80 10.58
N TYR A 52 5.13 0.50 11.88
CA TYR A 52 4.05 0.22 12.82
C TYR A 52 4.63 0.09 14.24
N CYS A 53 3.74 -0.03 15.23
CA CYS A 53 4.20 -0.33 16.59
C CYS A 53 3.32 -1.44 17.17
N PHE A 54 3.89 -2.30 18.04
CA PHE A 54 3.16 -3.52 18.41
C PHE A 54 3.03 -3.75 19.92
N ASN A 55 3.48 -2.82 20.77
CA ASN A 55 3.18 -2.91 22.19
C ASN A 55 3.28 -1.50 22.80
N ARG A 56 2.97 -1.42 24.11
CA ARG A 56 2.87 -0.12 24.77
C ARG A 56 4.20 0.64 24.74
N GLU A 57 5.29 0.00 25.18
CA GLU A 57 6.58 0.67 25.21
C GLU A 57 7.04 1.06 23.80
N ASN A 58 6.82 0.19 22.83
CA ASN A 58 7.23 0.50 21.47
C ASN A 58 6.36 1.62 20.86
N CYS A 59 5.06 1.64 21.20
CA CYS A 59 4.20 2.74 20.74
C CYS A 59 4.50 4.05 21.46
N ASP A 60 4.87 4.01 22.75
CA ASP A 60 5.26 5.23 23.46
C ASP A 60 6.51 5.87 22.83
N SER A 61 7.49 5.06 22.45
CA SER A 61 8.66 5.55 21.73
C SER A 61 8.28 6.27 20.43
N ARG A 62 7.46 5.62 19.60
CA ARG A 62 6.95 6.22 18.38
C ARG A 62 6.26 7.56 18.63
N TYR A 63 5.56 7.69 19.76
CA TYR A 63 4.80 8.92 20.02
C TYR A 63 5.69 10.12 20.33
N ASP A 64 6.93 9.87 20.78
CA ASP A 64 7.89 10.92 21.09
C ASP A 64 8.55 11.48 19.83
N THR A 65 8.84 10.64 18.84
CA THR A 65 9.66 11.08 17.72
C THR A 65 9.05 10.82 16.35
N MET A 66 7.83 10.26 16.27
CA MET A 66 7.11 10.09 15.00
C MET A 66 5.63 10.43 15.18
N ARG A 67 5.35 11.56 15.87
CA ARG A 67 4.00 11.83 16.35
C ARG A 67 3.00 12.11 15.23
N ARG A 68 3.45 12.66 14.10
CA ARG A 68 2.52 12.86 13.00
C ARG A 68 1.96 11.55 12.47
N LEU A 69 2.66 10.43 12.70
CA LEU A 69 2.13 9.11 12.35
C LEU A 69 1.26 8.53 13.45
N MET A 70 0.89 9.34 14.46
CA MET A 70 0.08 8.89 15.57
C MET A 70 -1.00 9.90 15.97
N SER A 71 -1.10 11.06 15.30
CA SER A 71 -1.91 12.18 15.74
C SER A 71 -2.10 13.16 14.57
N SER A 72 -3.28 13.80 14.54
CA SER A 72 -3.56 14.85 13.56
C SER A 72 -3.38 16.25 14.11
N ARG A 73 -2.95 16.39 15.36
CA ARG A 73 -2.94 17.71 16.00
C ARG A 73 -2.00 18.69 15.28
N ASP A 74 -0.95 18.19 14.62
CA ASP A 74 0.05 19.03 13.95
C ASP A 74 -0.01 18.96 12.42
N TRP A 75 -1.06 18.38 11.84
CA TRP A 75 -1.09 18.22 10.39
C TRP A 75 -1.21 19.57 9.68
N PRO A 76 -0.58 19.72 8.52
CA PRO A 76 -0.75 20.92 7.70
C PRO A 76 -2.07 20.89 6.95
N ARG A 77 -2.54 22.09 6.58
CA ARG A 77 -3.83 22.23 5.92
C ARG A 77 -3.79 21.86 4.44
N THR A 78 -2.62 21.81 3.83
CA THR A 78 -2.49 21.45 2.43
C THR A 78 -1.32 20.47 2.28
N ARG A 79 -1.33 19.77 1.15
CA ARG A 79 -0.27 18.86 0.76
C ARG A 79 -0.11 18.90 -0.77
N THR A 80 1.13 18.81 -1.24
CA THR A 80 1.43 18.79 -2.68
C THR A 80 1.31 17.36 -3.23
N GLY A 81 0.52 17.21 -4.30
CA GLY A 81 0.44 15.92 -4.97
C GLY A 81 1.67 15.68 -5.83
N THR A 82 2.28 14.51 -5.67
CA THR A 82 3.51 14.16 -6.38
C THR A 82 3.36 12.76 -6.98
N GLY A 83 4.10 12.51 -8.06
CA GLY A 83 4.02 11.19 -8.68
C GLY A 83 2.62 10.90 -9.21
N ILE A 84 2.09 9.72 -8.88
CA ILE A 84 0.75 9.35 -9.33
C ILE A 84 -0.32 10.28 -8.77
N LEU A 85 0.00 11.06 -7.72
CA LEU A 85 -0.92 12.08 -7.19
C LEU A 85 -0.71 13.47 -7.80
N SER A 86 0.19 13.64 -8.77
CA SER A 86 0.32 14.92 -9.46
C SER A 86 -0.75 15.09 -10.53
N SER A 87 -1.20 16.35 -10.70
CA SER A 87 -2.18 16.71 -11.73
C SER A 87 -1.56 17.20 -13.04
N GLN A 88 -0.24 17.12 -13.19
CA GLN A 88 0.44 17.58 -14.40
C GLN A 88 0.74 16.40 -15.32
N PRO A 89 0.39 16.47 -16.61
CA PRO A 89 0.65 15.32 -17.52
C PRO A 89 2.11 14.90 -17.60
N GLU A 90 3.00 15.89 -17.61
CA GLU A 90 4.44 15.68 -17.55
C GLU A 90 4.86 14.75 -16.42
N GLU A 91 4.36 15.02 -15.21
CA GLU A 91 4.79 14.24 -14.06
C GLU A 91 4.00 12.96 -13.88
N ASN A 92 2.76 12.92 -14.37
CA ASN A 92 1.84 11.80 -14.17
C ASN A 92 1.15 11.47 -15.49
N PRO A 93 1.84 10.76 -16.39
CA PRO A 93 1.21 10.37 -17.67
C PRO A 93 -0.03 9.49 -17.51
N TYR A 94 -0.17 8.80 -16.37
CA TYR A 94 -1.19 7.78 -16.20
C TYR A 94 -2.57 8.38 -15.91
N TRP A 95 -2.69 9.09 -14.79
CA TRP A 95 -3.98 9.51 -14.25
C TRP A 95 -3.98 10.98 -13.84
N TRP A 96 -3.31 11.86 -14.60
CA TRP A 96 -3.18 13.26 -14.20
C TRP A 96 -4.52 13.99 -14.02
N ASN A 97 -5.60 13.55 -14.67
CA ASN A 97 -6.88 14.24 -14.59
C ASN A 97 -7.82 13.67 -13.52
N ALA A 98 -7.33 12.76 -12.67
CA ALA A 98 -8.16 12.07 -11.70
C ALA A 98 -8.47 12.95 -10.47
N ASN A 99 -9.53 12.57 -9.75
CA ASN A 99 -9.76 13.05 -8.39
C ASN A 99 -8.72 12.42 -7.47
N MET A 100 -7.96 13.24 -6.72
CA MET A 100 -6.82 12.76 -5.94
C MET A 100 -7.14 12.81 -4.45
N VAL A 101 -6.85 11.71 -3.74
CA VAL A 101 -7.01 11.61 -2.28
C VAL A 101 -5.74 11.01 -1.65
N PHE A 102 -5.19 11.70 -0.65
CA PHE A 102 -4.09 11.21 0.19
C PHE A 102 -4.65 10.98 1.59
N ILE A 103 -4.55 9.74 2.10
CA ILE A 103 -5.05 9.40 3.43
C ILE A 103 -3.85 9.23 4.35
N PRO A 104 -3.60 10.14 5.29
CA PRO A 104 -2.45 10.00 6.18
C PRO A 104 -2.57 8.77 7.08
N TYR A 105 -1.41 8.16 7.37
CA TYR A 105 -1.29 6.98 8.22
C TYR A 105 -1.07 7.43 9.67
N CYS A 106 -2.09 7.28 10.52
CA CYS A 106 -1.95 7.68 11.92
C CYS A 106 -2.48 6.60 12.86
N SER A 107 -2.45 5.33 12.43
CA SER A 107 -2.95 4.21 13.21
C SER A 107 -1.91 3.14 13.53
N SER A 108 -0.71 3.18 12.92
CA SER A 108 0.43 2.34 13.34
C SER A 108 0.13 0.84 13.33
N ASP A 109 -0.80 0.40 12.47
CA ASP A 109 -1.35 -0.95 12.51
C ASP A 109 -1.38 -1.61 11.14
N VAL A 110 -0.64 -1.08 10.18
CA VAL A 110 -0.57 -1.56 8.79
C VAL A 110 -1.99 -1.50 8.19
N TRP A 111 -2.80 -0.54 8.66
CA TRP A 111 -4.16 -0.30 8.14
C TRP A 111 -5.12 -1.45 8.47
N SER A 112 -4.83 -2.22 9.53
CA SER A 112 -5.61 -3.40 9.88
C SER A 112 -6.51 -3.25 11.10
N GLY A 113 -6.34 -2.21 11.92
CA GLY A 113 -6.97 -2.21 13.24
C GLY A 113 -8.44 -1.84 13.25
N ALA A 114 -9.12 -2.29 14.30
CA ALA A 114 -10.49 -1.90 14.58
C ALA A 114 -10.74 -1.89 16.08
N SER A 115 -9.96 -1.09 16.82
N SER A 115 -9.94 -1.10 16.82
CA SER A 115 -10.06 -1.01 18.27
CA SER A 115 -10.07 -1.01 18.27
C SER A 115 -9.98 0.45 18.72
C SER A 115 -9.99 0.45 18.71
N SER A 116 -10.89 0.83 19.62
CA SER A 116 -10.95 2.19 20.15
C SER A 116 -10.12 2.35 21.43
N LYS A 117 -9.70 3.58 21.68
CA LYS A 117 -9.13 3.94 22.96
C LYS A 117 -10.20 3.87 24.06
N SER A 118 -9.86 3.24 25.19
CA SER A 118 -10.81 3.02 26.29
C SER A 118 -10.02 3.03 27.60
N GLU A 119 -10.68 2.69 28.72
CA GLU A 119 -9.91 2.71 29.95
C GLU A 119 -8.84 1.61 29.96
N LYS A 120 -8.98 0.59 29.10
CA LYS A 120 -8.00 -0.49 29.01
C LYS A 120 -7.06 -0.37 27.82
N ASN A 121 -7.25 0.61 26.94
CA ASN A 121 -6.38 0.79 25.77
C ASN A 121 -5.84 2.20 25.78
N GLU A 122 -4.52 2.32 25.95
CA GLU A 122 -3.85 3.62 25.86
C GLU A 122 -4.03 4.25 24.49
N TYR A 123 -3.97 3.45 23.44
CA TYR A 123 -4.08 3.95 22.06
C TYR A 123 -5.23 3.28 21.32
N ALA A 124 -5.72 3.99 20.29
CA ALA A 124 -6.70 3.48 19.34
C ALA A 124 -5.99 2.97 18.08
N PHE A 125 -6.45 1.83 17.56
CA PHE A 125 -5.89 1.26 16.34
C PHE A 125 -7.06 1.05 15.37
N MET A 126 -7.29 2.01 14.47
CA MET A 126 -8.53 2.06 13.69
C MET A 126 -8.28 2.13 12.17
N GLY A 127 -7.15 1.61 11.70
CA GLY A 127 -6.80 1.72 10.27
C GLY A 127 -7.88 1.25 9.32
N ALA A 128 -8.43 0.06 9.56
CA ALA A 128 -9.44 -0.48 8.64
C ALA A 128 -10.72 0.36 8.68
N LEU A 129 -11.05 0.90 9.85
CA LEU A 129 -12.24 1.74 9.97
C LEU A 129 -12.02 3.14 9.40
N ILE A 130 -10.79 3.65 9.46
CA ILE A 130 -10.49 4.92 8.82
C ILE A 130 -10.77 4.84 7.32
N ILE A 131 -10.32 3.76 6.66
CA ILE A 131 -10.53 3.66 5.22
C ILE A 131 -12.02 3.65 4.90
N GLN A 132 -12.82 2.91 5.68
CA GLN A 132 -14.26 2.84 5.43
C GLN A 132 -14.93 4.20 5.60
N GLU A 133 -14.53 4.93 6.64
CA GLU A 133 -15.19 6.22 6.90
C GLU A 133 -14.79 7.25 5.85
N VAL A 134 -13.54 7.22 5.38
CA VAL A 134 -13.16 8.13 4.29
C VAL A 134 -14.01 7.86 3.06
N VAL A 135 -14.19 6.58 2.71
CA VAL A 135 -14.99 6.24 1.53
C VAL A 135 -16.41 6.75 1.67
N ARG A 136 -16.99 6.57 2.87
CA ARG A 136 -18.36 7.04 3.12
C ARG A 136 -18.48 8.54 2.93
N GLU A 137 -17.55 9.32 3.50
CA GLU A 137 -17.74 10.77 3.43
C GLU A 137 -17.45 11.32 2.04
N LEU A 138 -16.59 10.62 1.27
CA LEU A 138 -16.31 11.03 -0.10
C LEU A 138 -17.51 10.85 -1.03
N LEU A 139 -18.39 9.87 -0.74
CA LEU A 139 -19.54 9.65 -1.61
C LEU A 139 -20.41 10.90 -1.71
N GLY A 140 -20.47 11.71 -0.64
CA GLY A 140 -21.16 12.99 -0.66
C GLY A 140 -20.43 14.13 -1.36
N ARG A 141 -19.18 13.92 -1.76
CA ARG A 141 -18.40 14.93 -2.46
C ARG A 141 -18.09 14.52 -3.90
N GLY A 142 -18.84 13.58 -4.45
CA GLY A 142 -18.69 13.22 -5.85
C GLY A 142 -18.28 11.78 -6.12
N LEU A 143 -17.78 11.03 -5.13
CA LEU A 143 -17.43 9.64 -5.38
C LEU A 143 -18.64 8.81 -5.82
N SER A 144 -19.86 9.29 -5.57
CA SER A 144 -21.06 8.60 -6.00
C SER A 144 -21.15 8.49 -7.51
N GLY A 145 -20.48 9.37 -8.24
CA GLY A 145 -20.47 9.31 -9.69
C GLY A 145 -19.28 8.60 -10.32
N ALA A 146 -18.42 7.97 -9.52
CA ALA A 146 -17.20 7.39 -10.08
C ALA A 146 -17.50 6.20 -10.97
N LYS A 147 -16.60 5.96 -11.92
CA LYS A 147 -16.53 4.70 -12.66
C LYS A 147 -15.47 3.75 -12.13
N VAL A 148 -14.34 4.27 -11.62
CA VAL A 148 -13.26 3.44 -11.09
C VAL A 148 -12.77 4.06 -9.79
N LEU A 149 -12.58 3.22 -8.77
CA LEU A 149 -11.91 3.62 -7.53
C LEU A 149 -10.62 2.80 -7.40
N LEU A 150 -9.46 3.47 -7.52
CA LEU A 150 -8.17 2.81 -7.35
C LEU A 150 -7.66 3.08 -5.94
N LEU A 151 -7.59 2.01 -5.15
CA LEU A 151 -7.01 2.06 -3.80
C LEU A 151 -5.54 1.69 -3.94
N ALA A 152 -4.65 2.65 -3.70
CA ALA A 152 -3.21 2.52 -3.88
C ALA A 152 -2.51 2.79 -2.54
N GLY A 153 -1.23 2.42 -2.43
CA GLY A 153 -0.46 2.76 -1.24
C GLY A 153 0.95 2.19 -1.35
N SER A 154 1.86 2.74 -0.50
CA SER A 154 3.27 2.36 -0.50
C SER A 154 3.70 1.82 0.86
N SER A 155 4.51 0.75 0.84
CA SER A 155 5.14 0.12 2.02
C SER A 155 4.05 -0.38 2.97
N ALA A 156 3.97 0.09 4.24
CA ALA A 156 2.83 -0.30 5.08
C ALA A 156 1.50 -0.03 4.39
N GLY A 157 1.43 1.03 3.56
CA GLY A 157 0.24 1.31 2.79
C GLY A 157 0.02 0.34 1.65
N GLY A 158 1.10 -0.21 1.09
CA GLY A 158 0.95 -1.23 0.05
C GLY A 158 0.39 -2.52 0.64
N THR A 159 0.89 -2.92 1.82
CA THR A 159 0.28 -4.07 2.47
C THR A 159 -1.18 -3.78 2.82
N GLY A 160 -1.47 -2.53 3.23
CA GLY A 160 -2.84 -2.13 3.56
C GLY A 160 -3.80 -2.24 2.39
N VAL A 161 -3.32 -1.97 1.16
CA VAL A 161 -4.16 -2.20 -0.03
C VAL A 161 -4.60 -3.65 -0.07
N LEU A 162 -3.65 -4.57 0.13
CA LEU A 162 -3.97 -6.00 0.04
C LEU A 162 -4.98 -6.40 1.11
N LEU A 163 -4.88 -5.82 2.32
CA LEU A 163 -5.80 -6.19 3.40
C LEU A 163 -7.19 -5.59 3.24
N ASN A 164 -7.34 -4.48 2.50
CA ASN A 164 -8.58 -3.71 2.52
C ASN A 164 -9.32 -3.59 1.18
N VAL A 165 -8.72 -3.96 0.04
CA VAL A 165 -9.34 -3.68 -1.26
C VAL A 165 -10.68 -4.40 -1.40
N ASP A 166 -10.78 -5.66 -0.95
CA ASP A 166 -12.05 -6.38 -1.09
C ASP A 166 -13.11 -5.86 -0.12
N ARG A 167 -12.69 -5.31 1.03
CA ARG A 167 -13.67 -4.75 1.96
C ARG A 167 -14.30 -3.49 1.39
N VAL A 168 -13.50 -2.66 0.70
CA VAL A 168 -14.04 -1.46 0.06
C VAL A 168 -15.04 -1.83 -1.02
N ALA A 169 -14.72 -2.84 -1.83
CA ALA A 169 -15.66 -3.31 -2.86
C ALA A 169 -16.98 -3.75 -2.23
N GLU A 170 -16.91 -4.53 -1.14
CA GLU A 170 -18.13 -5.00 -0.49
C GLU A 170 -18.91 -3.85 0.14
N GLN A 171 -18.22 -2.90 0.76
CA GLN A 171 -18.88 -1.73 1.32
C GLN A 171 -19.67 -0.98 0.24
N LEU A 172 -19.07 -0.80 -0.93
CA LEU A 172 -19.76 -0.05 -1.97
C LEU A 172 -20.95 -0.83 -2.53
N GLU A 173 -20.80 -2.15 -2.66
CA GLU A 173 -21.92 -2.99 -3.10
C GLU A 173 -23.09 -2.87 -2.13
N LYS A 174 -22.81 -2.98 -0.83
CA LYS A 174 -23.88 -2.98 0.15
C LYS A 174 -24.54 -1.60 0.28
N LEU A 175 -23.78 -0.53 0.05
CA LEU A 175 -24.33 0.83 0.10
C LEU A 175 -25.17 1.20 -1.12
N GLY A 176 -25.17 0.38 -2.17
CA GLY A 176 -26.01 0.64 -3.33
C GLY A 176 -25.31 1.22 -4.54
N TYR A 177 -23.98 1.02 -4.65
CA TYR A 177 -23.16 1.57 -5.74
C TYR A 177 -22.47 0.39 -6.44
N PRO A 178 -23.20 -0.36 -7.26
CA PRO A 178 -22.60 -1.51 -7.93
C PRO A 178 -21.82 -1.18 -9.20
N ALA A 179 -21.91 0.03 -9.71
CA ALA A 179 -21.24 0.41 -10.95
C ALA A 179 -19.81 0.90 -10.73
N ILE A 180 -19.43 1.23 -9.51
CA ILE A 180 -18.06 1.65 -9.21
C ILE A 180 -17.16 0.41 -9.21
N GLN A 181 -16.15 0.41 -10.09
CA GLN A 181 -15.19 -0.69 -10.15
C GLN A 181 -14.03 -0.42 -9.19
N VAL A 182 -13.88 -1.27 -8.19
CA VAL A 182 -12.83 -1.13 -7.17
C VAL A 182 -11.63 -1.99 -7.58
N ARG A 183 -10.44 -1.38 -7.59
CA ARG A 183 -9.17 -2.03 -7.94
C ARG A 183 -8.11 -1.58 -6.95
N GLY A 184 -6.99 -2.31 -6.90
CA GLY A 184 -5.89 -1.98 -5.99
C GLY A 184 -4.55 -1.86 -6.68
N LEU A 185 -3.70 -1.01 -6.11
CA LEU A 185 -2.31 -0.83 -6.53
C LEU A 185 -1.42 -0.89 -5.29
N ALA A 186 -0.71 -2.03 -5.10
CA ALA A 186 0.14 -2.29 -3.92
C ALA A 186 1.61 -2.08 -4.29
N ASP A 187 2.21 -1.01 -3.76
CA ASP A 187 3.60 -0.64 -4.04
C ASP A 187 4.49 -0.92 -2.84
N SER A 188 5.50 -1.79 -3.03
CA SER A 188 6.52 -2.04 -1.99
C SER A 188 5.91 -2.57 -0.69
N GLY A 189 4.85 -3.37 -0.82
CA GLY A 189 4.21 -4.04 0.30
C GLY A 189 4.16 -5.55 0.17
N TRP A 190 4.98 -6.12 -0.72
CA TRP A 190 5.03 -7.57 -1.04
C TRP A 190 6.31 -8.18 -0.46
N PHE A 191 6.22 -8.74 0.75
CA PHE A 191 7.36 -9.18 1.55
C PHE A 191 7.41 -10.69 1.71
N LEU A 192 8.61 -11.20 2.00
CA LEU A 192 8.84 -12.63 2.15
C LEU A 192 9.21 -12.90 3.60
N ASP A 193 8.61 -13.93 4.19
CA ASP A 193 8.94 -14.34 5.56
C ASP A 193 10.07 -15.37 5.50
N ASN A 194 11.23 -14.90 5.02
CA ASN A 194 12.31 -15.83 4.68
C ASN A 194 13.27 -15.93 5.84
N LYS A 195 14.26 -16.81 5.68
CA LYS A 195 15.35 -16.89 6.65
C LYS A 195 16.30 -15.72 6.55
N GLN A 196 16.69 -15.20 7.69
CA GLN A 196 17.55 -14.04 7.67
C GLN A 196 18.99 -14.42 7.35
N TYR A 197 19.76 -13.43 6.86
CA TYR A 197 21.16 -13.66 6.57
C TYR A 197 21.96 -13.82 7.85
N ARG A 198 21.68 -13.00 8.87
CA ARG A 198 22.29 -13.16 10.19
C ARG A 198 21.23 -12.97 11.27
N PRO A 210 10.16 -10.61 14.11
CA PRO A 210 11.33 -10.71 13.24
C PRO A 210 11.04 -10.01 11.93
N THR A 211 8.19 -11.94 12.20
CA THR A 211 6.88 -12.59 12.17
C THR A 211 6.21 -12.55 13.54
N GLU A 212 7.03 -12.58 14.61
CA GLU A 212 6.46 -12.48 15.95
C GLU A 212 5.87 -11.10 16.22
N ALA A 213 6.43 -10.05 15.63
CA ALA A 213 5.92 -8.69 15.81
C ALA A 213 4.53 -8.52 15.22
N ILE A 214 4.34 -9.03 13.99
CA ILE A 214 3.00 -9.04 13.38
C ILE A 214 2.00 -9.80 14.25
N ARG A 215 2.38 -11.01 14.69
CA ARG A 215 1.47 -11.82 15.49
C ARG A 215 1.05 -11.10 16.77
N ARG A 216 2.02 -10.52 17.48
CA ARG A 216 1.69 -9.74 18.68
C ARG A 216 0.90 -8.48 18.33
N GLY A 217 1.28 -7.78 17.25
CA GLY A 217 0.53 -6.60 16.82
C GLY A 217 -0.93 -6.88 16.57
N ILE A 218 -1.23 -7.98 15.86
CA ILE A 218 -2.63 -8.29 15.54
C ILE A 218 -3.48 -8.39 16.80
N ARG A 219 -2.96 -9.05 17.84
CA ARG A 219 -3.71 -9.11 19.09
C ARG A 219 -3.79 -7.73 19.73
N TYR A 220 -2.72 -6.93 19.62
CA TYR A 220 -2.68 -5.61 20.23
C TYR A 220 -3.64 -4.64 19.55
N TRP A 221 -3.80 -4.74 18.23
CA TRP A 221 -4.63 -3.83 17.46
C TRP A 221 -6.06 -4.29 17.25
N ASN A 222 -6.41 -5.52 17.64
CA ASN A 222 -7.66 -6.15 17.17
C ASN A 222 -7.67 -6.15 15.63
N GLY A 223 -6.56 -6.59 15.04
CA GLY A 223 -6.39 -6.46 13.60
C GLY A 223 -7.30 -7.41 12.84
N VAL A 224 -7.72 -6.97 11.65
CA VAL A 224 -8.65 -7.72 10.80
C VAL A 224 -7.96 -8.01 9.48
N VAL A 225 -8.16 -9.22 8.96
CA VAL A 225 -7.61 -9.62 7.66
C VAL A 225 -8.78 -9.98 6.75
N PRO A 226 -8.55 -10.13 5.44
CA PRO A 226 -9.64 -10.50 4.54
C PRO A 226 -10.21 -11.88 4.85
N GLU A 227 -11.53 -12.03 4.65
CA GLU A 227 -12.28 -13.20 5.12
C GLU A 227 -11.79 -14.52 4.52
N ARG A 228 -11.59 -14.57 3.21
CA ARG A 228 -11.20 -15.85 2.60
C ARG A 228 -9.84 -16.30 3.09
N CYS A 229 -8.91 -15.35 3.24
CA CYS A 229 -7.59 -15.65 3.81
C CYS A 229 -7.70 -16.08 5.27
N ARG A 230 -8.53 -15.41 6.06
CA ARG A 230 -8.69 -15.82 7.45
C ARG A 230 -9.24 -17.25 7.55
N ARG A 231 -10.17 -17.61 6.66
CA ARG A 231 -10.75 -18.96 6.71
C ARG A 231 -9.74 -20.04 6.34
N GLN A 232 -8.75 -19.70 5.49
CA GLN A 232 -7.69 -20.63 5.12
C GLN A 232 -6.74 -20.91 6.27
N PHE A 233 -6.22 -19.86 6.90
CA PHE A 233 -5.19 -20.03 7.93
C PHE A 233 -5.77 -20.23 9.33
N GLN A 234 -6.98 -19.72 9.60
CA GLN A 234 -7.74 -19.97 10.83
C GLN A 234 -7.10 -19.34 12.07
N GLU A 235 -7.76 -19.53 13.21
CA GLU A 235 -7.46 -18.75 14.40
C GLU A 235 -6.00 -18.93 14.83
N GLY A 236 -5.42 -17.82 15.30
CA GLY A 236 -4.04 -17.81 15.71
C GLY A 236 -3.03 -17.68 14.59
N GLU A 237 -3.45 -17.84 13.32
CA GLU A 237 -2.52 -17.82 12.20
C GLU A 237 -2.84 -16.71 11.21
N GLU A 238 -3.61 -15.70 11.63
CA GLU A 238 -3.95 -14.58 10.74
C GLU A 238 -2.74 -13.80 10.26
N TRP A 239 -1.61 -13.85 11.00
CA TRP A 239 -0.40 -13.12 10.62
C TRP A 239 0.06 -13.48 9.20
N ASN A 240 -0.26 -14.70 8.74
CA ASN A 240 0.12 -15.13 7.40
C ASN A 240 -0.43 -14.22 6.32
N CYS A 241 -1.63 -13.66 6.53
CA CYS A 241 -2.30 -12.80 5.55
C CYS A 241 -1.64 -11.43 5.37
N PHE A 242 -0.62 -11.10 6.18
CA PHE A 242 0.15 -9.89 5.94
C PHE A 242 1.22 -10.09 4.87
N PHE A 243 1.36 -11.29 4.32
CA PHE A 243 2.40 -11.57 3.34
C PHE A 243 1.76 -11.73 1.96
N GLY A 244 2.19 -10.87 1.03
CA GLY A 244 1.54 -10.77 -0.27
C GLY A 244 1.28 -12.10 -0.96
N TYR A 245 2.31 -12.95 -1.04
CA TYR A 245 2.14 -14.19 -1.81
C TYR A 245 1.14 -15.14 -1.16
N LYS A 246 0.76 -14.92 0.10
CA LYS A 246 -0.26 -15.75 0.74
C LYS A 246 -1.65 -15.11 0.70
N VAL A 247 -1.77 -13.78 0.72
CA VAL A 247 -3.10 -13.17 0.74
C VAL A 247 -3.65 -12.88 -0.66
N TYR A 248 -2.77 -12.55 -1.62
CA TYR A 248 -3.17 -12.21 -2.98
C TYR A 248 -4.03 -13.27 -3.68
N PRO A 249 -3.72 -14.58 -3.61
CA PRO A 249 -4.59 -15.56 -4.29
C PRO A 249 -6.03 -15.58 -3.79
N THR A 250 -6.32 -15.02 -2.62
CA THR A 250 -7.67 -15.02 -2.05
C THR A 250 -8.48 -13.78 -2.42
N LEU A 251 -7.91 -12.82 -3.14
CA LEU A 251 -8.58 -11.56 -3.46
C LEU A 251 -9.37 -11.65 -4.76
N ARG A 252 -10.57 -11.05 -4.76
CA ARG A 252 -11.38 -11.00 -5.96
C ARG A 252 -11.19 -9.73 -6.77
N SER A 253 -10.83 -8.59 -6.14
CA SER A 253 -10.71 -7.38 -6.94
C SER A 253 -9.38 -7.40 -7.72
N PRO A 254 -9.32 -6.74 -8.88
CA PRO A 254 -8.06 -6.67 -9.63
C PRO A 254 -7.00 -5.90 -8.86
N VAL A 255 -5.78 -6.43 -8.77
CA VAL A 255 -4.71 -5.81 -8.00
C VAL A 255 -3.41 -5.83 -8.79
N PHE A 256 -2.83 -4.64 -9.03
CA PHE A 256 -1.54 -4.49 -9.68
C PHE A 256 -0.43 -4.43 -8.63
N VAL A 257 0.62 -5.24 -8.77
CA VAL A 257 1.65 -5.36 -7.73
C VAL A 257 2.95 -4.74 -8.25
N VAL A 258 3.46 -3.73 -7.54
CA VAL A 258 4.76 -3.12 -7.83
C VAL A 258 5.73 -3.49 -6.70
N GLN A 259 6.87 -4.13 -7.05
CA GLN A 259 7.82 -4.54 -6.01
C GLN A 259 9.24 -4.56 -6.57
N TRP A 260 10.15 -3.77 -5.99
CA TRP A 260 11.57 -3.94 -6.29
C TRP A 260 12.02 -5.35 -5.89
N LEU A 261 12.86 -5.99 -6.73
CA LEU A 261 13.27 -7.35 -6.42
C LEU A 261 14.20 -7.38 -5.21
N PHE A 262 14.90 -6.28 -4.96
CA PHE A 262 15.81 -6.18 -3.83
C PHE A 262 15.36 -5.02 -2.93
N ASP A 263 14.17 -5.17 -2.34
CA ASP A 263 13.61 -4.10 -1.52
C ASP A 263 14.47 -3.81 -0.28
N GLU A 264 14.76 -2.53 -0.03
CA GLU A 264 15.63 -2.13 1.08
C GLU A 264 15.02 -2.45 2.45
N ALA A 265 13.70 -2.40 2.58
CA ALA A 265 13.10 -2.76 3.85
C ALA A 265 13.19 -4.27 4.07
N GLN A 266 12.95 -5.05 3.01
CA GLN A 266 13.15 -6.49 3.08
C GLN A 266 14.60 -6.83 3.50
N LEU A 267 15.57 -6.14 2.92
CA LEU A 267 16.95 -6.46 3.24
C LEU A 267 17.33 -6.00 4.66
N THR A 268 16.75 -4.90 5.13
CA THR A 268 16.96 -4.48 6.51
C THR A 268 16.47 -5.54 7.50
N VAL A 269 15.25 -6.03 7.28
CA VAL A 269 14.69 -7.10 8.10
C VAL A 269 15.59 -8.34 8.06
N ASP A 270 16.18 -8.62 6.90
CA ASP A 270 17.04 -9.79 6.74
C ASP A 270 18.46 -9.59 7.30
N ASN A 271 18.75 -8.40 7.83
CA ASN A 271 20.07 -8.08 8.41
C ASN A 271 21.17 -8.11 7.36
N VAL A 272 20.87 -7.53 6.20
CA VAL A 272 21.81 -7.37 5.10
C VAL A 272 22.15 -5.90 4.97
N HIS A 273 23.44 -5.57 5.03
CA HIS A 273 23.89 -4.18 4.90
C HIS A 273 25.03 -4.13 3.88
N LEU A 274 24.76 -3.50 2.74
CA LEU A 274 25.75 -3.35 1.68
C LEU A 274 26.62 -2.11 1.90
N PRO A 278 32.30 -5.21 -0.68
CA PRO A 278 33.09 -6.40 -1.02
C PRO A 278 32.38 -7.72 -0.66
N VAL A 279 31.37 -8.09 -1.44
CA VAL A 279 30.42 -9.15 -1.10
C VAL A 279 31.07 -10.50 -1.36
N GLN A 280 31.13 -11.35 -0.33
CA GLN A 280 31.68 -12.69 -0.49
C GLN A 280 30.62 -13.68 -0.94
N GLU A 281 31.02 -14.94 -1.08
CA GLU A 281 30.16 -15.96 -1.69
C GLU A 281 28.88 -16.17 -0.90
N GLY A 282 28.95 -16.20 0.44
CA GLY A 282 27.74 -16.44 1.22
C GLY A 282 26.67 -15.39 1.01
N LEU A 283 27.07 -14.12 1.06
CA LEU A 283 26.08 -13.07 0.84
C LEU A 283 25.64 -13.01 -0.63
N ARG A 284 26.54 -13.28 -1.59
CA ARG A 284 26.15 -13.30 -3.00
C ARG A 284 25.03 -14.30 -3.26
N LEU A 285 25.23 -15.55 -2.82
CA LEU A 285 24.19 -16.56 -2.94
C LEU A 285 22.89 -16.13 -2.23
N TYR A 286 23.00 -15.53 -1.04
CA TYR A 286 21.81 -15.08 -0.31
C TYR A 286 20.98 -14.09 -1.12
N ILE A 287 21.65 -13.06 -1.65
CA ILE A 287 20.98 -11.99 -2.39
C ILE A 287 20.38 -12.53 -3.68
N GLN A 288 21.14 -13.37 -4.39
CA GLN A 288 20.64 -13.98 -5.62
C GLN A 288 19.41 -14.84 -5.36
N ASN A 289 19.42 -15.59 -4.24
CA ASN A 289 18.28 -16.43 -3.89
C ASN A 289 17.05 -15.59 -3.56
N LEU A 290 17.23 -14.46 -2.87
CA LEU A 290 16.11 -13.58 -2.55
C LEU A 290 15.41 -13.06 -3.81
N GLY A 291 16.18 -12.52 -4.75
CA GLY A 291 15.64 -12.17 -6.06
C GLY A 291 14.89 -13.31 -6.75
N ARG A 292 15.47 -14.51 -6.76
CA ARG A 292 14.80 -15.63 -7.43
C ARG A 292 13.47 -15.97 -6.75
N GLU A 293 13.45 -15.92 -5.42
CA GLU A 293 12.24 -16.29 -4.67
C GLU A 293 11.12 -15.27 -4.88
N LEU A 294 11.44 -13.97 -4.75
N LEU A 294 11.43 -13.97 -4.76
CA LEU A 294 10.47 -12.92 -5.02
CA LEU A 294 10.39 -12.97 -5.02
C LEU A 294 9.92 -13.06 -6.43
C LEU A 294 9.90 -13.06 -6.46
N ARG A 295 10.83 -13.16 -7.40
CA ARG A 295 10.50 -13.52 -8.75
C ARG A 295 9.57 -14.74 -8.94
N HIS A 296 9.83 -15.85 -8.22
CA HIS A 296 8.92 -16.99 -8.26
C HIS A 296 7.52 -16.63 -7.76
N THR A 297 7.42 -15.82 -6.69
CA THR A 297 6.10 -15.52 -6.13
C THR A 297 5.24 -14.65 -7.05
N LEU A 298 5.83 -13.94 -8.02
CA LEU A 298 5.08 -13.08 -8.94
C LEU A 298 4.74 -13.76 -10.26
N LYS A 299 5.08 -15.03 -10.42
CA LYS A 299 4.99 -15.62 -11.75
C LYS A 299 3.55 -15.80 -12.21
N ASP A 300 2.62 -16.01 -11.28
CA ASP A 300 1.19 -16.10 -11.60
C ASP A 300 0.44 -14.85 -11.18
N VAL A 301 1.13 -13.71 -11.11
CA VAL A 301 0.47 -12.43 -10.87
C VAL A 301 0.43 -11.66 -12.19
N PRO A 302 -0.72 -11.57 -12.87
CA PRO A 302 -0.70 -11.12 -14.26
C PRO A 302 -0.43 -9.62 -14.43
N ALA A 303 -0.73 -8.79 -13.43
CA ALA A 303 -0.47 -7.34 -13.49
C ALA A 303 0.60 -7.02 -12.46
N SER A 304 1.87 -6.89 -12.88
CA SER A 304 2.93 -6.66 -11.90
C SER A 304 4.11 -5.96 -12.56
N PHE A 305 4.93 -5.31 -11.73
CA PHE A 305 6.06 -4.51 -12.23
C PHE A 305 7.16 -4.67 -11.18
N ALA A 306 8.24 -5.37 -11.53
CA ALA A 306 9.23 -5.79 -10.54
C ALA A 306 10.65 -5.68 -11.09
N PRO A 307 11.27 -4.51 -10.99
CA PRO A 307 12.63 -4.35 -11.51
C PRO A 307 13.71 -4.83 -10.56
N ALA A 308 14.84 -5.19 -11.14
CA ALA A 308 15.95 -5.72 -10.35
C ALA A 308 16.80 -4.56 -9.83
N CYS A 309 16.29 -3.88 -8.80
CA CYS A 309 16.90 -2.69 -8.22
C CYS A 309 16.86 -2.77 -6.69
N LEU A 310 17.86 -2.16 -6.07
CA LEU A 310 17.89 -1.89 -4.64
C LEU A 310 17.27 -0.51 -4.40
N SER A 311 16.05 -0.47 -3.88
CA SER A 311 15.29 0.76 -3.65
C SER A 311 14.11 0.42 -2.76
N HIS A 312 13.27 1.43 -2.47
CA HIS A 312 12.07 1.22 -1.65
C HIS A 312 11.08 2.33 -1.97
N GLU A 313 9.84 1.94 -2.32
CA GLU A 313 8.74 2.80 -2.75
C GLU A 313 8.98 3.41 -4.13
N ILE A 314 7.91 3.86 -4.79
CA ILE A 314 8.03 4.52 -6.09
C ILE A 314 6.86 5.42 -6.48
N ILE A 315 5.61 4.99 -6.22
CA ILE A 315 4.50 5.57 -6.97
C ILE A 315 4.26 7.06 -6.64
N ILE A 316 4.59 7.56 -5.45
CA ILE A 316 4.42 9.02 -5.25
C ILE A 316 5.75 9.77 -5.32
N ARG A 317 6.80 9.14 -5.82
CA ARG A 317 8.04 9.85 -6.11
C ARG A 317 7.92 10.64 -7.41
N SER A 318 8.56 11.82 -7.45
CA SER A 318 8.42 12.70 -8.60
C SER A 318 8.99 12.08 -9.87
N HIS A 319 10.05 11.28 -9.76
CA HIS A 319 10.71 10.69 -10.92
C HIS A 319 10.30 9.24 -11.13
N TRP A 320 9.07 8.90 -10.77
CA TRP A 320 8.57 7.53 -10.86
C TRP A 320 8.44 7.12 -12.33
N THR A 321 8.54 8.07 -13.27
CA THR A 321 8.41 7.78 -14.70
C THR A 321 9.70 7.26 -15.33
N ASP A 322 10.80 7.22 -14.58
CA ASP A 322 12.11 6.96 -15.18
C ASP A 322 12.39 5.47 -15.37
N VAL A 323 11.98 4.62 -14.44
N VAL A 323 11.93 4.62 -14.46
CA VAL A 323 12.38 3.22 -14.46
CA VAL A 323 12.31 3.21 -14.42
C VAL A 323 11.57 2.47 -15.51
C VAL A 323 11.54 2.44 -15.50
N GLN A 324 12.22 1.50 -16.17
CA GLN A 324 11.60 0.69 -17.21
C GLN A 324 12.00 -0.77 -17.04
N VAL A 325 11.04 -1.67 -17.32
CA VAL A 325 11.30 -3.11 -17.40
C VAL A 325 11.01 -3.53 -18.84
N LYS A 326 12.01 -4.12 -19.51
CA LYS A 326 11.87 -4.55 -20.91
C LYS A 326 11.43 -3.41 -21.82
N GLY A 327 11.87 -2.18 -21.53
CA GLY A 327 11.49 -1.03 -22.32
C GLY A 327 10.14 -0.40 -22.02
N THR A 328 9.43 -0.85 -20.98
CA THR A 328 8.12 -0.31 -20.63
C THR A 328 8.19 0.37 -19.27
N SER A 329 7.72 1.62 -19.19
CA SER A 329 7.72 2.37 -17.93
C SER A 329 6.54 1.96 -17.03
N LEU A 330 6.59 2.37 -15.74
CA LEU A 330 5.47 2.01 -14.85
C LEU A 330 4.17 2.74 -15.24
N PRO A 331 4.20 4.04 -15.56
CA PRO A 331 2.96 4.67 -16.05
C PRO A 331 2.37 3.97 -17.27
N ARG A 332 3.21 3.52 -18.20
CA ARG A 332 2.68 2.78 -19.36
C ARG A 332 2.05 1.46 -18.91
N ALA A 333 2.72 0.72 -18.02
CA ALA A 333 2.17 -0.58 -17.60
C ALA A 333 0.81 -0.40 -16.94
N LEU A 334 0.63 0.67 -16.15
CA LEU A 334 -0.67 0.91 -15.52
C LEU A 334 -1.75 1.31 -16.54
N HIS A 335 -1.39 2.07 -17.58
CA HIS A 335 -2.32 2.36 -18.67
C HIS A 335 -2.72 1.10 -19.42
N CYS A 336 -1.74 0.20 -19.68
CA CYS A 336 -2.04 -1.07 -20.33
C CYS A 336 -2.98 -1.91 -19.47
N TRP A 337 -2.79 -1.85 -18.14
CA TRP A 337 -3.68 -2.52 -17.20
C TRP A 337 -5.11 -1.96 -17.33
N ASP A 338 -5.27 -0.63 -17.41
CA ASP A 338 -6.60 -0.06 -17.62
C ASP A 338 -7.23 -0.65 -18.89
N ARG A 339 -6.47 -0.71 -19.98
CA ARG A 339 -6.99 -1.22 -21.24
C ARG A 339 -7.42 -2.68 -21.12
N SER A 340 -6.64 -3.50 -20.40
CA SER A 340 -6.97 -4.89 -20.23
C SER A 340 -8.25 -5.11 -19.45
N LEU A 341 -8.64 -4.18 -18.59
CA LEU A 341 -9.87 -4.31 -17.81
C LEU A 341 -11.11 -3.72 -18.52
N HIS A 342 -10.96 -3.24 -19.75
CA HIS A 342 -12.15 -2.93 -20.57
C HIS A 342 -12.97 -4.19 -20.79
N PRO A 351 -4.28 -10.74 -24.45
CA PRO A 351 -3.11 -9.87 -24.35
C PRO A 351 -3.11 -8.79 -25.42
N LEU A 352 -2.50 -7.65 -25.12
CA LEU A 352 -2.49 -6.48 -26.00
C LEU A 352 -1.15 -6.35 -26.70
N LYS A 353 -1.20 -6.10 -28.02
CA LYS A 353 0.01 -5.97 -28.81
C LYS A 353 0.77 -4.72 -28.41
N GLY A 354 2.02 -4.90 -27.96
CA GLY A 354 2.85 -3.76 -27.60
C GLY A 354 2.49 -3.05 -26.31
N CYS A 355 1.60 -3.57 -25.47
CA CYS A 355 1.20 -2.82 -24.29
C CYS A 355 1.10 -3.85 -23.16
N PRO A 356 2.24 -4.24 -22.60
CA PRO A 356 2.27 -5.33 -21.62
C PRO A 356 1.84 -4.90 -20.22
N VAL A 357 1.44 -5.91 -19.46
CA VAL A 357 0.93 -5.75 -18.10
C VAL A 357 1.72 -6.55 -17.07
N HIS A 358 2.43 -7.62 -17.46
CA HIS A 358 3.27 -8.42 -16.57
C HIS A 358 4.74 -8.15 -16.91
N LEU A 359 5.47 -7.48 -16.01
CA LEU A 359 6.83 -7.00 -16.31
C LEU A 359 7.75 -7.30 -15.12
N VAL A 360 8.57 -8.35 -15.23
CA VAL A 360 9.43 -8.78 -14.12
C VAL A 360 10.83 -9.03 -14.68
N ASP A 361 11.85 -8.32 -14.15
CA ASP A 361 13.24 -8.60 -14.55
C ASP A 361 13.68 -10.03 -14.29
N SER A 362 14.50 -10.53 -15.21
CA SER A 362 15.11 -11.85 -15.06
C SER A 362 16.56 -11.80 -14.63
N CYS A 363 17.25 -10.65 -14.77
CA CYS A 363 18.66 -10.63 -14.43
C CYS A 363 18.82 -10.66 -12.91
N PRO A 364 19.92 -11.27 -12.40
CA PRO A 364 19.90 -11.70 -11.00
C PRO A 364 20.61 -10.84 -9.95
N TRP A 365 20.98 -9.60 -10.25
CA TRP A 365 21.75 -8.80 -9.30
C TRP A 365 21.25 -7.36 -9.26
N PRO A 366 21.26 -6.71 -8.06
CA PRO A 366 20.88 -5.28 -7.98
C PRO A 366 21.54 -4.43 -9.07
N HIS A 367 20.68 -3.78 -9.86
CA HIS A 367 21.01 -2.70 -10.78
C HIS A 367 21.57 -3.32 -12.07
N CYS A 368 21.27 -4.62 -12.33
CA CYS A 368 21.47 -5.16 -13.66
C CYS A 368 20.48 -4.59 -14.69
N ASN A 369 19.45 -3.88 -14.21
CA ASN A 369 18.58 -3.09 -15.08
C ASN A 369 19.14 -1.67 -15.15
N PRO A 370 19.54 -1.18 -16.33
CA PRO A 370 20.22 0.12 -16.36
C PRO A 370 19.36 1.28 -15.92
N SER A 371 18.03 1.14 -15.88
CA SER A 371 17.15 2.25 -15.56
C SER A 371 16.86 2.36 -14.06
N CYS A 372 17.51 1.54 -13.24
CA CYS A 372 17.32 1.60 -11.79
C CYS A 372 17.67 3.01 -11.29
N PRO A 373 17.01 3.48 -10.24
CA PRO A 373 17.35 4.80 -9.69
C PRO A 373 18.77 4.83 -9.11
N THR A 374 19.47 5.94 -9.36
CA THR A 374 20.84 6.11 -8.88
C THR A 374 20.90 7.19 -7.80
S SO4 B . 6.81 14.60 14.61
O1 SO4 B . 6.03 13.81 13.66
O2 SO4 B . 5.96 15.68 15.11
O3 SO4 B . 7.24 13.71 15.69
O4 SO4 B . 7.99 15.19 13.96
C1 NAG C . -18.81 6.59 13.58
C2 NAG C . -20.20 6.03 13.31
C3 NAG C . -20.51 4.87 14.25
C4 NAG C . -19.38 3.85 14.27
C5 NAG C . -18.01 4.51 14.42
C6 NAG C . -16.86 3.53 14.22
C7 NAG C . -22.00 7.47 12.44
C8 NAG C . -22.98 8.57 12.78
N2 NAG C . -21.21 7.08 13.45
O3 NAG C . -21.67 4.24 13.75
O4 NAG C . -19.56 2.97 15.39
O5 NAG C . -17.86 5.54 13.44
O6 NAG C . -16.90 2.96 12.92
O7 NAG C . -21.93 6.98 11.32
S DMS D . 4.40 -6.59 7.36
O DMS D . 5.41 -6.47 8.45
C1 DMS D . 4.97 -7.93 6.27
C2 DMS D . 4.59 -5.18 6.22
S SO4 E . 10.03 -13.35 -17.78
O1 SO4 E . 10.07 -14.81 -17.68
O2 SO4 E . 8.93 -13.00 -18.66
O3 SO4 E . 11.28 -12.86 -18.36
O4 SO4 E . 9.84 -12.77 -16.45
S SO4 F . -1.70 -0.34 26.82
O1 SO4 F . -1.32 0.38 25.60
O2 SO4 F . -3.11 -0.10 27.12
O3 SO4 F . -1.42 -1.77 26.67
O4 SO4 F . -0.92 0.15 27.96
S SO4 G . -5.83 10.78 -17.53
O1 SO4 G . -6.37 11.67 -18.56
O2 SO4 G . -6.34 9.42 -17.73
O3 SO4 G . -4.38 10.74 -17.58
O4 SO4 G . -6.27 11.22 -16.21
S SO4 H . 29.08 -9.30 5.53
O1 SO4 H . 29.68 -8.57 4.42
O2 SO4 H . 27.71 -8.83 5.78
O3 SO4 H . 29.87 -9.08 6.75
O4 SO4 H . 29.04 -10.73 5.22
S SO4 I . 34.09 -15.58 -2.93
O1 SO4 I . 33.11 -14.51 -2.85
O2 SO4 I . 33.61 -16.57 -3.90
O3 SO4 I . 35.36 -15.03 -3.40
O4 SO4 I . 34.27 -16.22 -1.62
S SO4 J . -15.33 22.32 2.27
O1 SO4 J . -14.84 21.87 0.97
O2 SO4 J . -16.74 21.96 2.42
O3 SO4 J . -14.57 21.69 3.34
O4 SO4 J . -15.18 23.78 2.35
C12 A6Z K . 6.17 -1.78 7.15
C11 A6Z K . 7.67 -1.56 7.20
C10 A6Z K . 8.70 -5.06 8.31
C9 A6Z K . 7.96 -3.72 8.27
C8 A6Z K . 8.28 -3.53 5.94
C7 A6Z K . 9.09 -4.83 5.91
C4 A6Z K . 8.68 -8.08 7.95
C5 A6Z K . 8.99 -9.43 7.88
C6 A6Z K . 9.64 -9.95 6.76
C3 A6Z K . 9.03 -7.23 6.91
C2 A6Z K . 9.68 -7.75 5.78
C1 A6Z K . 9.99 -9.11 5.70
CL1 A6Z K . 8.52 -10.51 9.24
N1 A6Z K . 8.70 -5.79 6.99
N2 A6Z K . 8.42 -2.89 7.21
N3 A6Z K . 5.06 -1.96 7.13
#